data_6TUH
#
_entry.id   6TUH
#
_cell.length_a   67.759
_cell.length_b   66.606
_cell.length_c   80.267
_cell.angle_alpha   90.000
_cell.angle_beta   100.060
_cell.angle_gamma   90.000
#
_symmetry.space_group_name_H-M   'P 1 21 1'
#
loop_
_entity.id
_entity.type
_entity.pdbx_description
1 polymer 'Tyrosine-protein kinase BTK'
2 non-polymer '4,5,6,7-tetrahydro-1-benzofuran-3-carboxylic acid'
3 non-polymer 'MAGNESIUM ION'
4 non-polymer 'ZINC ION'
5 water water
#
_entity_poly.entity_id   1
_entity_poly.type   'polypeptide(L)'
_entity_poly.pdbx_seq_one_letter_code
;AAVILESIFLKRSQQKKKTSPLNFKKRLFLLTVHKLSYYEYDFERGRRGSKKGSIDVEKITCVETVVPEKNPPPERQIPR
RGEESSEMEQISIIERFPYPFQVVYDEGPLYVFSPTEELRKRWIHQLKNVIRYNSDLVQKYHPSFWIDGQYLCCSQTAKN
AMGCQILEN
;
_entity_poly.pdbx_strand_id   A,B,C,D
#
# COMPACT_ATOMS: atom_id res chain seq x y z
N ALA A 1 14.87 -3.86 -11.31
CA ALA A 1 14.44 -2.59 -10.73
C ALA A 1 13.17 -2.76 -9.91
N ALA A 2 12.95 -1.88 -8.91
CA ALA A 2 11.77 -1.91 -8.04
C ALA A 2 10.44 -1.65 -8.79
N VAL A 3 9.34 -2.30 -8.37
CA VAL A 3 8.04 -2.14 -8.99
C VAL A 3 7.36 -0.94 -8.35
N ILE A 4 7.05 0.06 -9.17
CA ILE A 4 6.38 1.29 -8.72
C ILE A 4 4.89 1.03 -8.70
N LEU A 5 4.36 0.42 -9.78
CA LEU A 5 2.92 0.16 -9.92
C LEU A 5 2.70 -1.16 -10.62
N GLU A 6 1.62 -1.85 -10.24
CA GLU A 6 1.19 -3.12 -10.81
C GLU A 6 -0.35 -3.12 -10.89
N SER A 7 -0.92 -3.19 -12.10
CA SER A 7 -2.37 -3.13 -12.32
C SER A 7 -2.82 -3.93 -13.55
N ILE A 8 -4.10 -4.32 -13.57
CA ILE A 8 -4.76 -5.06 -14.66
C ILE A 8 -5.54 -4.03 -15.45
N PHE A 9 -5.17 -3.87 -16.71
CA PHE A 9 -5.78 -2.90 -17.57
C PHE A 9 -6.23 -3.60 -18.83
N LEU A 10 -6.95 -2.91 -19.65
CA LEU A 10 -7.33 -3.38 -20.96
C LEU A 10 -6.42 -2.63 -21.94
N LYS A 11 -5.80 -3.36 -22.86
CA LYS A 11 -4.86 -2.82 -23.87
C LYS A 11 -5.45 -2.95 -25.26
N ARG A 12 -5.46 -1.86 -26.02
CA ARG A 12 -5.91 -1.90 -27.40
C ARG A 12 -4.73 -2.36 -28.22
N SER A 13 -4.99 -3.31 -29.14
CA SER A 13 -3.98 -3.87 -30.06
C SER A 13 -3.43 -2.77 -31.00
N GLN A 14 -2.14 -2.86 -31.33
CA GLN A 14 -1.50 -1.81 -32.17
C GLN A 14 -1.28 -2.27 -33.61
N GLN A 15 -0.51 -3.34 -33.84
CA GLN A 15 -0.29 -3.79 -35.24
C GLN A 15 -1.01 -5.12 -35.52
N LYS A 16 -2.23 -5.31 -35.02
CA LYS A 16 -2.92 -6.61 -35.28
C LYS A 16 -3.10 -6.75 -36.79
N LYS A 17 -3.61 -5.69 -37.43
CA LYS A 17 -3.76 -5.61 -38.90
C LYS A 17 -3.93 -4.14 -39.27
N LYS A 18 -3.55 -3.74 -40.49
CA LYS A 18 -3.67 -2.31 -40.87
C LYS A 18 -5.14 -1.88 -40.94
N THR A 19 -6.02 -2.69 -41.52
CA THR A 19 -7.45 -2.27 -41.66
C THR A 19 -8.41 -3.15 -40.86
N SER A 20 -7.94 -4.22 -40.21
CA SER A 20 -8.88 -5.11 -39.47
C SER A 20 -9.37 -4.44 -38.17
N PRO A 21 -10.52 -4.89 -37.62
CA PRO A 21 -11.08 -4.31 -36.39
C PRO A 21 -10.12 -4.36 -35.20
N LEU A 22 -10.16 -3.33 -34.35
CA LEU A 22 -9.32 -3.23 -33.16
C LEU A 22 -9.70 -4.23 -32.06
N ASN A 23 -8.70 -4.98 -31.58
CA ASN A 23 -8.81 -5.96 -30.51
C ASN A 23 -8.41 -5.27 -29.20
N PHE A 24 -9.05 -5.68 -28.09
CA PHE A 24 -8.76 -5.22 -26.72
C PHE A 24 -8.38 -6.44 -25.89
N LYS A 25 -7.24 -6.36 -25.20
CA LYS A 25 -6.67 -7.48 -24.46
C LYS A 25 -6.43 -7.14 -22.98
N LYS A 26 -6.92 -7.98 -22.07
CA LYS A 26 -6.70 -7.84 -20.61
C LYS A 26 -5.23 -8.17 -20.33
N ARG A 27 -4.48 -7.19 -19.78
CA ARG A 27 -3.05 -7.33 -19.50
C ARG A 27 -2.70 -6.85 -18.10
N LEU A 28 -1.72 -7.51 -17.48
CA LEU A 28 -1.14 -7.05 -16.22
C LEU A 28 -0.02 -6.08 -16.65
N PHE A 29 -0.07 -4.81 -16.20
CA PHE A 29 0.92 -3.81 -16.50
C PHE A 29 1.81 -3.59 -15.30
N LEU A 30 3.11 -3.50 -15.57
CA LEU A 30 4.14 -3.28 -14.58
C LEU A 30 4.93 -2.04 -14.91
N LEU A 31 5.11 -1.18 -13.90
CA LEU A 31 5.95 -0.02 -14.07
C LEU A 31 7.16 -0.08 -13.13
N THR A 32 8.37 0.04 -13.71
CA THR A 32 9.66 0.17 -13.03
C THR A 32 10.26 1.47 -13.61
N VAL A 33 11.42 1.93 -13.10
CA VAL A 33 12.06 3.15 -13.63
C VAL A 33 12.61 2.92 -15.05
N HIS A 34 12.90 1.64 -15.40
CA HIS A 34 13.46 1.28 -16.69
C HIS A 34 12.44 0.97 -17.80
N LYS A 35 11.33 0.24 -17.47
CA LYS A 35 10.36 -0.21 -18.45
C LYS A 35 8.91 -0.20 -18.02
N LEU A 36 8.06 -0.14 -19.03
CA LEU A 36 6.63 -0.29 -18.87
C LEU A 36 6.36 -1.57 -19.59
N SER A 37 6.08 -2.64 -18.85
CA SER A 37 5.84 -3.93 -19.48
C SER A 37 4.45 -4.46 -19.20
N TYR A 38 3.99 -5.41 -20.03
CA TYR A 38 2.65 -5.98 -19.93
C TYR A 38 2.66 -7.44 -20.24
N TYR A 39 1.82 -8.18 -19.52
CA TYR A 39 1.74 -9.64 -19.54
C TYR A 39 0.35 -10.12 -19.57
N GLU A 40 0.18 -11.39 -20.01
CA GLU A 40 -1.09 -12.12 -19.87
C GLU A 40 -1.06 -12.39 -18.38
N TYR A 41 -2.17 -12.27 -17.70
CA TYR A 41 -2.20 -12.51 -16.26
C TYR A 41 -2.60 -13.94 -16.01
N ASP A 42 -1.98 -14.61 -15.03
CA ASP A 42 -2.34 -15.98 -14.65
C ASP A 42 -3.27 -15.89 -13.43
N PHE A 43 -4.57 -15.78 -13.70
CA PHE A 43 -5.62 -15.63 -12.68
C PHE A 43 -5.64 -16.77 -11.69
N GLU A 44 -5.56 -18.00 -12.19
CA GLU A 44 -5.69 -19.23 -11.36
C GLU A 44 -4.62 -19.28 -10.28
N ARG A 45 -3.38 -18.90 -10.58
CA ARG A 45 -2.31 -18.94 -9.58
C ARG A 45 -2.02 -17.59 -8.92
N GLY A 46 -2.63 -16.53 -9.43
CA GLY A 46 -2.45 -15.19 -8.87
C GLY A 46 -1.05 -14.64 -9.04
N ARG A 47 -0.60 -14.64 -10.28
CA ARG A 47 0.74 -14.20 -10.67
C ARG A 47 0.78 -13.79 -12.12
N ARG A 48 1.83 -13.06 -12.49
CA ARG A 48 1.98 -12.61 -13.91
C ARG A 48 2.43 -13.79 -14.78
N GLY A 49 1.82 -13.92 -15.96
CA GLY A 49 2.07 -14.95 -16.95
C GLY A 49 3.18 -14.54 -17.87
N SER A 50 3.03 -14.88 -19.15
CA SER A 50 4.02 -14.56 -20.16
C SER A 50 4.04 -13.10 -20.54
N LYS A 51 5.25 -12.55 -20.64
CA LYS A 51 5.51 -11.17 -21.04
C LYS A 51 5.11 -11.09 -22.47
N LYS A 52 4.30 -10.08 -22.83
CA LYS A 52 3.74 -9.88 -24.16
C LYS A 52 4.31 -8.66 -24.89
N GLY A 53 5.09 -7.86 -24.19
CA GLY A 53 5.66 -6.62 -24.70
C GLY A 53 6.20 -5.69 -23.63
N SER A 54 6.91 -4.66 -24.08
CA SER A 54 7.59 -3.71 -23.22
C SER A 54 7.84 -2.41 -23.96
N ILE A 55 7.93 -1.32 -23.21
CA ILE A 55 8.25 0.01 -23.69
C ILE A 55 9.33 0.55 -22.75
N ASP A 56 10.50 0.89 -23.31
CA ASP A 56 11.58 1.48 -22.53
C ASP A 56 11.12 2.86 -22.13
N VAL A 57 11.13 3.16 -20.82
CA VAL A 57 10.70 4.46 -20.26
C VAL A 57 11.39 5.67 -20.95
N GLU A 58 12.63 5.49 -21.38
CA GLU A 58 13.46 6.52 -22.04
C GLU A 58 12.90 6.94 -23.40
N LYS A 59 12.10 6.04 -24.05
CA LYS A 59 11.45 6.30 -25.34
C LYS A 59 10.08 7.04 -25.25
N ILE A 60 9.52 7.18 -24.04
CA ILE A 60 8.22 7.83 -23.83
C ILE A 60 8.35 9.34 -23.92
N THR A 61 7.55 9.95 -24.79
CA THR A 61 7.56 11.41 -25.01
C THR A 61 6.39 12.12 -24.33
N CYS A 62 5.29 11.38 -24.06
CA CYS A 62 4.03 11.96 -23.55
C CYS A 62 3.19 10.88 -22.91
N VAL A 63 2.43 11.27 -21.86
CA VAL A 63 1.49 10.45 -21.10
C VAL A 63 0.37 11.40 -20.72
N GLU A 64 -0.85 11.12 -21.19
CA GLU A 64 -2.03 11.92 -20.86
C GLU A 64 -3.32 11.09 -20.92
N THR A 65 -4.47 11.73 -20.61
CA THR A 65 -5.80 11.12 -20.72
C THR A 65 -6.22 11.17 -22.20
N VAL A 66 -7.23 10.40 -22.57
CA VAL A 66 -7.79 10.38 -23.91
C VAL A 66 -9.26 10.65 -23.71
N VAL A 67 -9.88 11.38 -24.66
CA VAL A 67 -11.33 11.65 -24.66
C VAL A 67 -11.98 10.26 -24.85
N PRO A 68 -12.93 9.83 -23.98
CA PRO A 68 -13.48 8.47 -24.12
C PRO A 68 -14.28 8.24 -25.39
N GLU A 69 -14.41 6.96 -25.83
CA GLU A 69 -15.22 6.55 -27.00
C GLU A 69 -16.66 7.01 -26.81
N LYS A 70 -17.32 7.42 -27.91
CA LYS A 70 -18.69 7.91 -27.92
C LYS A 70 -19.68 6.80 -27.60
N ASN A 71 -19.56 5.63 -28.30
CA ASN A 71 -20.41 4.46 -28.09
C ASN A 71 -19.57 3.24 -27.57
N PRO A 72 -19.14 3.24 -26.29
CA PRO A 72 -18.32 2.13 -25.82
C PRO A 72 -19.15 0.87 -25.53
N PRO A 73 -18.60 -0.33 -25.78
CA PRO A 73 -19.33 -1.57 -25.43
C PRO A 73 -19.40 -1.76 -23.90
N PRO A 74 -20.28 -2.64 -23.32
CA PRO A 74 -20.36 -2.75 -21.84
C PRO A 74 -19.05 -2.88 -21.07
N GLU A 75 -18.06 -3.62 -21.60
CA GLU A 75 -16.72 -3.80 -21.02
C GLU A 75 -15.98 -2.46 -20.76
N ARG A 76 -16.32 -1.38 -21.51
CA ARG A 76 -15.70 -0.07 -21.37
C ARG A 76 -16.69 1.04 -21.01
N GLN A 77 -17.79 0.67 -20.33
CA GLN A 77 -18.83 1.61 -19.86
C GLN A 77 -18.75 1.77 -18.36
N ILE A 78 -19.08 2.98 -17.84
CA ILE A 78 -19.09 3.33 -16.41
C ILE A 78 -20.13 2.51 -15.62
N GLU A 89 -15.83 -2.45 -6.11
CA GLU A 89 -16.23 -3.88 -5.95
C GLU A 89 -15.12 -4.78 -6.51
N GLN A 90 -14.96 -5.96 -5.93
CA GLN A 90 -13.90 -6.92 -6.32
C GLN A 90 -14.06 -7.33 -7.79
N ILE A 91 -15.29 -7.53 -8.25
CA ILE A 91 -15.56 -8.00 -9.63
C ILE A 91 -15.48 -6.85 -10.63
N SER A 92 -16.10 -5.71 -10.31
CA SER A 92 -16.16 -4.56 -11.27
C SER A 92 -14.75 -4.08 -11.66
N ILE A 93 -13.81 -4.12 -10.72
CA ILE A 93 -12.41 -3.65 -10.95
C ILE A 93 -11.66 -4.51 -11.98
N ILE A 94 -12.07 -5.77 -12.20
CA ILE A 94 -11.39 -6.64 -13.21
C ILE A 94 -12.32 -6.93 -14.40
N GLU A 95 -13.45 -6.23 -14.53
CA GLU A 95 -14.38 -6.48 -15.66
C GLU A 95 -14.72 -5.26 -16.49
N ARG A 96 -14.74 -4.09 -15.89
CA ARG A 96 -15.06 -2.86 -16.62
C ARG A 96 -13.87 -1.91 -16.56
N PHE A 97 -13.53 -1.42 -17.73
CA PHE A 97 -12.38 -0.55 -18.00
C PHE A 97 -12.80 0.71 -18.78
N PRO A 98 -13.44 1.70 -18.11
CA PRO A 98 -13.93 2.88 -18.86
C PRO A 98 -13.00 4.08 -19.00
N TYR A 99 -11.84 4.12 -18.32
CA TYR A 99 -10.99 5.30 -18.26
C TYR A 99 -9.66 5.17 -19.03
N PRO A 100 -9.63 5.67 -20.27
CA PRO A 100 -8.43 5.53 -21.07
C PRO A 100 -7.37 6.60 -20.85
N PHE A 101 -6.11 6.17 -21.07
CA PHE A 101 -4.95 7.04 -21.08
C PHE A 101 -4.02 6.56 -22.17
N GLN A 102 -3.13 7.47 -22.63
CA GLN A 102 -2.19 7.21 -23.72
C GLN A 102 -0.74 7.35 -23.28
N VAL A 103 0.10 6.45 -23.77
CA VAL A 103 1.55 6.44 -23.56
C VAL A 103 2.12 6.62 -24.99
N VAL A 104 2.61 7.82 -25.28
CA VAL A 104 3.16 8.12 -26.61
C VAL A 104 4.68 7.84 -26.64
N TYR A 105 5.13 7.13 -27.67
CA TYR A 105 6.53 6.80 -27.90
C TYR A 105 6.82 6.83 -29.43
N ASP A 106 7.86 6.11 -29.92
CA ASP A 106 8.24 6.11 -31.35
C ASP A 106 7.23 5.38 -32.24
N GLU A 107 6.86 4.16 -31.84
CA GLU A 107 5.85 3.38 -32.56
C GLU A 107 4.42 3.80 -32.14
N GLY A 108 4.05 5.06 -32.42
CA GLY A 108 2.74 5.68 -32.11
C GLY A 108 2.26 5.59 -30.66
N PRO A 109 0.99 5.96 -30.37
CA PRO A 109 0.51 5.83 -28.98
C PRO A 109 0.00 4.44 -28.61
N LEU A 110 0.18 4.06 -27.34
CA LEU A 110 -0.37 2.85 -26.75
C LEU A 110 -1.58 3.31 -25.94
N TYR A 111 -2.74 2.70 -26.19
CA TYR A 111 -3.98 3.03 -25.50
C TYR A 111 -4.28 1.98 -24.41
N VAL A 112 -4.39 2.46 -23.16
CA VAL A 112 -4.58 1.65 -21.95
C VAL A 112 -5.89 2.09 -21.28
N PHE A 113 -6.69 1.17 -20.82
CA PHE A 113 -8.01 1.44 -20.19
C PHE A 113 -8.01 1.00 -18.74
N SER A 114 -8.16 1.96 -17.83
CA SER A 114 -8.19 1.74 -16.41
C SER A 114 -9.62 1.45 -15.85
N PRO A 115 -9.78 0.59 -14.81
CA PRO A 115 -11.12 0.36 -14.23
C PRO A 115 -11.66 1.57 -13.43
N THR A 116 -10.76 2.39 -12.84
CA THR A 116 -11.14 3.55 -12.06
C THR A 116 -10.42 4.84 -12.49
N GLU A 117 -11.03 6.00 -12.14
CA GLU A 117 -10.50 7.34 -12.33
C GLU A 117 -9.23 7.55 -11.46
N GLU A 118 -9.28 7.05 -10.21
CA GLU A 118 -8.21 7.14 -9.22
C GLU A 118 -7.00 6.37 -9.68
N LEU A 119 -7.20 5.19 -10.25
CA LEU A 119 -6.09 4.38 -10.70
C LEU A 119 -5.43 5.03 -11.94
N ARG A 120 -6.21 5.61 -12.87
CA ARG A 120 -5.66 6.31 -14.05
C ARG A 120 -4.78 7.51 -13.62
N LYS A 121 -5.30 8.34 -12.71
CA LYS A 121 -4.65 9.51 -12.13
C LYS A 121 -3.30 9.10 -11.50
N ARG A 122 -3.30 8.01 -10.71
CA ARG A 122 -2.10 7.47 -10.05
C ARG A 122 -1.03 7.03 -11.09
N TRP A 123 -1.48 6.36 -12.18
CA TRP A 123 -0.58 5.90 -13.23
C TRP A 123 0.00 7.05 -14.03
N ILE A 124 -0.82 8.05 -14.36
CA ILE A 124 -0.39 9.23 -15.10
C ILE A 124 0.65 9.97 -14.27
N HIS A 125 0.35 10.20 -12.97
CA HIS A 125 1.26 10.89 -12.03
C HIS A 125 2.63 10.21 -11.96
N GLN A 126 2.67 8.89 -11.73
CA GLN A 126 3.92 8.16 -11.64
C GLN A 126 4.68 8.09 -12.96
N LEU A 127 3.94 7.96 -14.08
CA LEU A 127 4.59 7.86 -15.41
C LEU A 127 5.23 9.20 -15.77
N LYS A 128 4.62 10.31 -15.36
CA LYS A 128 5.17 11.65 -15.65
C LYS A 128 6.47 11.84 -14.88
N ASN A 129 6.58 11.22 -13.71
CA ASN A 129 7.79 11.34 -12.86
C ASN A 129 8.92 10.47 -13.40
N VAL A 130 8.63 9.32 -13.99
CA VAL A 130 9.72 8.46 -14.50
C VAL A 130 10.25 8.99 -15.84
N ILE A 131 9.49 9.82 -16.54
CA ILE A 131 9.95 10.35 -17.85
C ILE A 131 10.43 11.80 -17.66
N ARG A 132 10.43 12.29 -16.43
CA ARG A 132 10.84 13.66 -16.06
C ARG A 132 12.10 14.10 -16.80
N TYR A 133 13.15 13.30 -16.75
CA TYR A 133 14.46 13.64 -17.38
C TYR A 133 14.59 13.07 -18.78
N ASN A 134 13.48 12.84 -19.48
CA ASN A 134 13.61 12.29 -20.85
C ASN A 134 13.98 13.44 -21.79
N SER A 135 14.72 13.10 -22.83
CA SER A 135 15.19 14.06 -23.87
C SER A 135 14.11 14.44 -24.88
N ASP A 136 13.27 13.47 -25.25
CA ASP A 136 12.27 13.60 -26.36
C ASP A 136 10.90 14.11 -25.90
N LEU A 137 10.73 14.55 -24.66
CA LEU A 137 9.39 15.00 -24.18
C LEU A 137 8.81 16.08 -25.09
N VAL A 138 7.53 15.95 -25.47
CA VAL A 138 6.87 16.93 -26.39
C VAL A 138 5.96 17.86 -25.57
N GLN A 139 5.58 18.99 -26.16
CA GLN A 139 4.72 19.98 -25.51
C GLN A 139 3.34 19.98 -26.19
N LYS A 140 3.11 19.04 -27.16
CA LYS A 140 1.84 18.90 -27.89
C LYS A 140 1.40 17.45 -27.93
N TYR A 141 0.07 17.23 -27.89
CA TYR A 141 -0.52 15.89 -27.97
C TYR A 141 -1.85 15.86 -28.72
N HIS A 142 -2.33 14.65 -29.04
CA HIS A 142 -3.64 14.42 -29.66
C HIS A 142 -4.61 14.03 -28.52
N PRO A 143 -5.58 14.90 -28.12
CA PRO A 143 -6.48 14.53 -26.98
C PRO A 143 -7.46 13.38 -27.25
N SER A 144 -7.66 13.04 -28.52
CA SER A 144 -8.59 11.99 -28.93
C SER A 144 -7.89 10.80 -29.51
N PHE A 145 -8.61 9.68 -29.65
CA PHE A 145 -8.05 8.43 -30.19
C PHE A 145 -7.73 8.49 -31.65
N TRP A 146 -6.79 7.62 -32.08
CA TRP A 146 -6.47 7.37 -33.46
C TRP A 146 -7.41 6.18 -33.78
N ILE A 147 -8.44 6.38 -34.61
CA ILE A 147 -9.36 5.30 -34.97
C ILE A 147 -9.74 5.40 -36.45
N ASP A 148 -9.83 4.24 -37.14
CA ASP A 148 -10.20 4.12 -38.55
C ASP A 148 -9.32 5.00 -39.49
N GLY A 149 -8.00 4.94 -39.29
CA GLY A 149 -6.99 5.62 -40.08
C GLY A 149 -6.71 7.08 -39.78
N GLN A 150 -7.35 7.65 -38.74
CA GLN A 150 -7.14 9.06 -38.39
C GLN A 150 -7.37 9.39 -36.92
N TYR A 151 -6.77 10.52 -36.47
CA TYR A 151 -6.99 11.06 -35.13
C TYR A 151 -8.31 11.79 -35.17
N LEU A 152 -9.19 11.55 -34.20
CA LEU A 152 -10.51 12.19 -34.14
C LEU A 152 -10.46 13.69 -33.85
N CYS A 153 -9.40 14.13 -33.21
CA CYS A 153 -9.22 15.52 -32.79
C CYS A 153 -8.86 16.49 -33.90
N CYS A 154 -7.94 16.11 -34.80
CA CYS A 154 -7.36 16.94 -35.84
C CYS A 154 -7.55 16.38 -37.25
N SER A 155 -7.89 15.09 -37.37
CA SER A 155 -8.11 14.36 -38.64
C SER A 155 -6.80 13.99 -39.39
N GLN A 156 -5.60 14.26 -38.80
CA GLN A 156 -4.30 13.88 -39.40
C GLN A 156 -4.21 12.36 -39.59
N THR A 157 -3.66 11.94 -40.73
CA THR A 157 -3.58 10.54 -41.18
C THR A 157 -2.27 9.80 -40.85
N ALA A 158 -1.38 10.49 -40.14
CA ALA A 158 -0.09 9.89 -39.74
C ALA A 158 -0.14 9.55 -38.26
N LYS A 159 0.25 8.33 -37.88
CA LYS A 159 0.28 7.99 -36.43
C LYS A 159 1.35 8.85 -35.74
N ASN A 160 2.48 9.08 -36.41
CA ASN A 160 3.61 9.86 -35.84
C ASN A 160 3.39 11.37 -36.01
N ALA A 161 2.21 11.80 -36.43
CA ALA A 161 1.91 13.21 -36.60
C ALA A 161 2.03 14.01 -35.31
N MET A 162 2.52 15.25 -35.41
CA MET A 162 2.67 16.18 -34.29
C MET A 162 1.29 16.46 -33.67
N GLY A 163 1.26 16.51 -32.34
CA GLY A 163 0.06 16.78 -31.58
C GLY A 163 -0.54 18.11 -31.98
N CYS A 164 -1.86 18.16 -32.02
CA CYS A 164 -2.67 19.31 -32.39
C CYS A 164 -2.95 20.26 -31.24
N GLN A 165 -2.77 19.82 -29.98
CA GLN A 165 -3.09 20.59 -28.77
C GLN A 165 -1.88 20.74 -27.87
N ILE A 166 -1.73 21.90 -27.22
CA ILE A 166 -0.62 22.14 -26.28
C ILE A 166 -0.89 21.45 -24.96
N LEU A 167 0.18 20.99 -24.28
CA LEU A 167 0.31 20.29 -22.99
C LEU A 167 0.53 18.80 -23.14
N ALA B 1 -34.09 -15.23 -9.46
CA ALA B 1 -33.95 -14.35 -8.30
C ALA B 1 -32.79 -13.39 -8.49
N ALA B 2 -32.88 -12.19 -7.88
CA ALA B 2 -31.83 -11.18 -7.94
C ALA B 2 -30.56 -11.61 -7.18
N VAL B 3 -29.39 -11.14 -7.65
CA VAL B 3 -28.10 -11.43 -7.06
C VAL B 3 -27.86 -10.45 -5.92
N ILE B 4 -27.70 -10.97 -4.70
CA ILE B 4 -27.46 -10.20 -3.49
C ILE B 4 -25.98 -9.89 -3.41
N LEU B 5 -25.15 -10.93 -3.61
CA LEU B 5 -23.67 -10.80 -3.50
C LEU B 5 -22.95 -11.63 -4.57
N GLU B 6 -21.93 -11.04 -5.20
CA GLU B 6 -21.07 -11.70 -6.22
C GLU B 6 -19.60 -11.50 -5.80
N SER B 7 -18.84 -12.59 -5.58
CA SER B 7 -17.44 -12.47 -5.11
C SER B 7 -16.56 -13.64 -5.58
N ILE B 8 -15.26 -13.37 -5.65
CA ILE B 8 -14.26 -14.42 -6.02
C ILE B 8 -13.62 -14.86 -4.69
N PHE B 9 -13.80 -16.13 -4.35
CA PHE B 9 -13.27 -16.66 -3.07
C PHE B 9 -12.46 -17.92 -3.36
N LEU B 10 -11.67 -18.34 -2.38
CA LEU B 10 -10.91 -19.59 -2.48
C LEU B 10 -11.77 -20.65 -1.79
N LYS B 11 -12.06 -21.75 -2.46
CA LYS B 11 -12.89 -22.81 -1.86
C LYS B 11 -12.08 -24.06 -1.55
N ARG B 12 -12.32 -24.67 -0.39
CA ARG B 12 -11.65 -25.94 -0.05
C ARG B 12 -12.57 -27.08 -0.47
N SER B 13 -12.05 -28.03 -1.23
CA SER B 13 -12.84 -29.17 -1.75
C SER B 13 -12.91 -30.28 -0.70
N GLN B 14 -13.93 -31.13 -0.78
CA GLN B 14 -14.10 -32.27 0.16
C GLN B 14 -12.79 -33.06 0.18
N GLN B 15 -12.22 -33.25 1.37
CA GLN B 15 -10.94 -33.98 1.56
C GLN B 15 -11.14 -35.45 1.19
N LYS B 16 -10.10 -36.09 0.66
CA LYS B 16 -10.17 -37.53 0.28
C LYS B 16 -8.89 -38.24 0.75
N PRO B 21 -4.56 -34.55 0.02
CA PRO B 21 -6.00 -34.53 -0.26
C PRO B 21 -6.56 -33.10 -0.25
N LEU B 22 -5.95 -32.22 0.55
CA LEU B 22 -6.40 -30.81 0.70
C LEU B 22 -6.16 -30.02 -0.59
N ASN B 23 -7.24 -29.57 -1.23
CA ASN B 23 -7.15 -28.81 -2.49
C ASN B 23 -7.90 -27.49 -2.31
N PHE B 24 -7.37 -26.40 -2.86
CA PHE B 24 -8.00 -25.06 -2.75
C PHE B 24 -8.24 -24.51 -4.15
N LYS B 25 -9.49 -24.17 -4.46
CA LYS B 25 -9.82 -23.69 -5.81
C LYS B 25 -10.46 -22.28 -5.85
N LYS B 26 -9.98 -21.41 -6.73
CA LYS B 26 -10.50 -20.05 -6.93
C LYS B 26 -11.87 -20.16 -7.59
N ARG B 27 -12.90 -19.61 -6.95
CA ARG B 27 -14.26 -19.72 -7.47
C ARG B 27 -15.03 -18.43 -7.39
N LEU B 28 -15.94 -18.19 -8.36
CA LEU B 28 -16.86 -17.05 -8.35
C LEU B 28 -18.11 -17.55 -7.57
N PHE B 29 -18.43 -16.94 -6.43
CA PHE B 29 -19.59 -17.29 -5.60
C PHE B 29 -20.73 -16.30 -5.84
N LEU B 30 -21.94 -16.84 -5.99
CA LEU B 30 -23.17 -16.07 -6.19
C LEU B 30 -24.19 -16.37 -5.11
N LEU B 31 -24.75 -15.32 -4.50
CA LEU B 31 -25.81 -15.50 -3.52
C LEU B 31 -27.13 -14.83 -4.01
N THR B 32 -28.22 -15.62 -4.03
CA THR B 32 -29.62 -15.20 -4.28
C THR B 32 -30.40 -15.65 -3.02
N VAL B 33 -31.70 -15.32 -2.90
CA VAL B 33 -32.51 -15.78 -1.73
C VAL B 33 -32.73 -17.30 -1.76
N HIS B 34 -32.65 -17.91 -2.96
CA HIS B 34 -32.86 -19.34 -3.20
C HIS B 34 -31.62 -20.25 -3.08
N LYS B 35 -30.48 -19.87 -3.75
CA LYS B 35 -29.27 -20.69 -3.87
C LYS B 35 -27.95 -19.96 -3.71
N LEU B 36 -26.96 -20.65 -3.09
CA LEU B 36 -25.57 -20.23 -2.95
C LEU B 36 -24.83 -21.08 -3.96
N SER B 37 -24.37 -20.48 -5.05
CA SER B 37 -23.69 -21.26 -6.11
C SER B 37 -22.31 -20.74 -6.38
N TYR B 38 -21.48 -21.59 -7.01
CA TYR B 38 -20.11 -21.25 -7.32
C TYR B 38 -19.70 -21.78 -8.66
N TYR B 39 -18.89 -20.99 -9.36
CA TYR B 39 -18.46 -21.20 -10.73
C TYR B 39 -16.99 -21.01 -10.88
N GLU B 40 -16.47 -21.58 -11.95
CA GLU B 40 -15.10 -21.39 -12.38
C GLU B 40 -15.16 -19.99 -13.00
N TYR B 41 -14.16 -19.16 -12.79
CA TYR B 41 -14.23 -17.80 -13.33
C TYR B 41 -13.46 -17.67 -14.62
N ASP B 42 -14.05 -17.01 -15.61
CA ASP B 42 -13.43 -16.79 -16.92
C ASP B 42 -12.84 -15.37 -16.92
N PHE B 43 -11.58 -15.23 -16.46
CA PHE B 43 -10.88 -13.96 -16.34
C PHE B 43 -10.79 -13.17 -17.65
N GLU B 44 -10.43 -13.85 -18.73
CA GLU B 44 -10.18 -13.21 -20.05
C GLU B 44 -11.42 -12.48 -20.55
N ARG B 45 -12.61 -13.07 -20.39
CA ARG B 45 -13.84 -12.46 -20.86
C ARG B 45 -14.61 -11.70 -19.78
N GLY B 46 -14.16 -11.81 -18.52
CA GLY B 46 -14.78 -11.11 -17.39
C GLY B 46 -16.20 -11.56 -17.15
N ARG B 47 -16.38 -12.88 -17.02
CA ARG B 47 -17.68 -13.51 -16.79
C ARG B 47 -17.49 -14.86 -16.10
N ARG B 48 -18.58 -15.39 -15.50
CA ARG B 48 -18.53 -16.70 -14.87
C ARG B 48 -18.45 -17.78 -15.93
N GLY B 49 -17.68 -18.81 -15.63
CA GLY B 49 -17.51 -19.99 -16.46
C GLY B 49 -18.48 -21.08 -16.03
N SER B 50 -18.01 -22.34 -16.03
CA SER B 50 -18.85 -23.51 -15.65
C SER B 50 -19.26 -23.51 -14.18
N LYS B 51 -20.53 -23.87 -13.92
CA LYS B 51 -21.07 -24.01 -12.56
C LYS B 51 -20.47 -25.29 -12.00
N LYS B 52 -19.90 -25.21 -10.79
CA LYS B 52 -19.24 -26.37 -10.19
C LYS B 52 -20.02 -26.93 -9.00
N GLY B 53 -20.93 -26.13 -8.44
CA GLY B 53 -21.73 -26.57 -7.30
C GLY B 53 -22.76 -25.57 -6.84
N SER B 54 -23.66 -26.02 -5.96
CA SER B 54 -24.76 -25.20 -5.41
C SER B 54 -25.25 -25.74 -4.09
N ILE B 55 -25.75 -24.83 -3.25
CA ILE B 55 -26.33 -25.14 -1.94
C ILE B 55 -27.63 -24.37 -1.84
N ASP B 56 -28.75 -25.10 -1.61
CA ASP B 56 -30.07 -24.50 -1.42
C ASP B 56 -30.03 -23.81 -0.07
N VAL B 57 -30.37 -22.51 -0.05
CA VAL B 57 -30.34 -21.67 1.16
C VAL B 57 -31.17 -22.29 2.32
N GLU B 58 -32.26 -22.99 2.00
CA GLU B 58 -33.15 -23.66 2.95
C GLU B 58 -32.47 -24.76 3.75
N LYS B 59 -31.38 -25.36 3.17
CA LYS B 59 -30.59 -26.44 3.79
C LYS B 59 -29.47 -25.96 4.75
N ILE B 60 -29.17 -24.65 4.75
CA ILE B 60 -28.12 -24.08 5.59
C ILE B 60 -28.59 -23.96 7.05
N THR B 61 -27.82 -24.53 7.98
CA THR B 61 -28.13 -24.52 9.43
C THR B 61 -27.29 -23.52 10.20
N CYS B 62 -26.11 -23.17 9.66
CA CYS B 62 -25.11 -22.36 10.35
C CYS B 62 -24.17 -21.71 9.34
N VAL B 63 -23.74 -20.49 9.64
CA VAL B 63 -22.79 -19.70 8.87
C VAL B 63 -22.02 -18.95 9.94
N GLU B 64 -20.69 -19.18 10.01
CA GLU B 64 -19.82 -18.52 10.98
C GLU B 64 -18.39 -18.41 10.47
N THR B 65 -17.50 -17.76 11.24
CA THR B 65 -16.07 -17.67 10.99
C THR B 65 -15.42 -19.00 11.43
N VAL B 66 -14.17 -19.23 10.99
CA VAL B 66 -13.42 -20.43 11.37
C VAL B 66 -12.14 -19.86 11.92
N VAL B 67 -11.54 -20.55 12.94
CA VAL B 67 -10.24 -20.19 13.51
C VAL B 67 -9.25 -20.42 12.35
N PRO B 68 -8.41 -19.42 11.99
CA PRO B 68 -7.49 -19.63 10.85
C PRO B 68 -6.44 -20.72 11.08
N GLU B 69 -5.86 -21.24 10.00
CA GLU B 69 -4.78 -22.24 10.04
C GLU B 69 -3.56 -21.64 10.76
N LYS B 70 -2.80 -22.49 11.49
CA LYS B 70 -1.60 -22.08 12.22
C LYS B 70 -0.46 -21.72 11.27
N ASN B 71 -0.20 -22.57 10.24
CA ASN B 71 0.84 -22.32 9.24
C ASN B 71 0.20 -22.17 7.84
N PRO B 72 -0.48 -21.03 7.54
CA PRO B 72 -1.08 -20.91 6.21
C PRO B 72 -0.05 -20.64 5.12
N PRO B 73 -0.21 -21.21 3.91
CA PRO B 73 0.74 -20.90 2.83
C PRO B 73 0.55 -19.43 2.35
N PRO B 74 1.51 -18.81 1.59
CA PRO B 74 1.35 -17.38 1.19
C PRO B 74 -0.02 -16.97 0.63
N GLU B 75 -0.67 -17.81 -0.19
CA GLU B 75 -1.96 -17.53 -0.81
C GLU B 75 -3.09 -17.26 0.25
N ARG B 76 -2.92 -17.75 1.52
CA ARG B 76 -3.86 -17.56 2.63
C ARG B 76 -3.26 -16.83 3.82
N GLN B 77 -2.25 -15.97 3.56
CA GLN B 77 -1.60 -15.14 4.59
C GLN B 77 -2.01 -13.66 4.38
N ILE B 78 -2.04 -12.87 5.48
CA ILE B 78 -2.41 -11.44 5.47
C ILE B 78 -1.38 -10.59 4.70
N GLU B 87 -8.41 2.77 -0.69
CA GLU B 87 -8.40 2.20 -2.04
C GLU B 87 -8.17 0.69 -2.01
N MET B 88 -9.23 -0.09 -2.37
CA MET B 88 -9.20 -1.56 -2.39
C MET B 88 -8.28 -2.05 -3.54
N GLU B 89 -7.12 -2.66 -3.17
CA GLU B 89 -6.15 -3.09 -4.16
C GLU B 89 -6.72 -4.13 -5.10
N GLN B 90 -6.66 -3.80 -6.39
CA GLN B 90 -7.17 -4.63 -7.49
C GLN B 90 -6.53 -6.04 -7.54
N ILE B 91 -5.23 -6.14 -7.25
CA ILE B 91 -4.46 -7.37 -7.38
C ILE B 91 -4.60 -8.26 -6.14
N SER B 92 -4.27 -7.72 -4.96
CA SER B 92 -4.28 -8.50 -3.70
C SER B 92 -5.69 -9.03 -3.39
N ILE B 93 -6.73 -8.35 -3.87
CA ILE B 93 -8.14 -8.78 -3.65
C ILE B 93 -8.43 -10.11 -4.34
N ILE B 94 -7.77 -10.38 -5.48
CA ILE B 94 -7.99 -11.67 -6.20
C ILE B 94 -6.78 -12.60 -6.01
N GLU B 95 -5.79 -12.21 -5.21
CA GLU B 95 -4.59 -13.06 -5.06
C GLU B 95 -4.40 -13.58 -3.63
N ARG B 96 -4.91 -12.86 -2.63
CA ARG B 96 -4.70 -13.29 -1.21
C ARG B 96 -6.08 -13.52 -0.57
N PHE B 97 -6.27 -14.70 0.03
CA PHE B 97 -7.56 -15.09 0.66
C PHE B 97 -7.30 -15.60 2.08
N PRO B 98 -7.02 -14.70 3.05
CA PRO B 98 -6.71 -15.10 4.41
C PRO B 98 -7.84 -15.16 5.45
N TYR B 99 -9.09 -14.86 5.06
CA TYR B 99 -10.20 -14.83 6.05
C TYR B 99 -11.23 -15.93 5.78
N PRO B 100 -11.17 -17.06 6.51
CA PRO B 100 -12.10 -18.16 6.30
C PRO B 100 -13.42 -18.13 7.08
N PHE B 101 -14.48 -18.62 6.44
CA PHE B 101 -15.79 -18.79 7.01
C PHE B 101 -16.35 -20.13 6.59
N GLN B 102 -17.38 -20.61 7.31
CA GLN B 102 -18.01 -21.91 7.08
C GLN B 102 -19.50 -21.79 6.80
N VAL B 103 -20.00 -22.60 5.88
CA VAL B 103 -21.41 -22.69 5.52
C VAL B 103 -21.76 -24.14 5.86
N VAL B 104 -22.48 -24.34 6.98
CA VAL B 104 -22.88 -25.68 7.40
C VAL B 104 -24.25 -26.04 6.79
N TYR B 105 -24.30 -27.12 5.99
CA TYR B 105 -25.48 -27.68 5.32
C TYR B 105 -25.50 -29.21 5.50
N ASP B 106 -26.46 -29.94 4.86
CA ASP B 106 -26.68 -31.42 4.96
C ASP B 106 -25.35 -32.21 5.06
N GLU B 107 -24.54 -32.17 3.99
CA GLU B 107 -23.25 -32.92 3.94
C GLU B 107 -22.12 -32.14 4.63
N GLY B 108 -22.27 -31.79 5.91
CA GLY B 108 -21.21 -31.09 6.65
C GLY B 108 -20.96 -29.66 6.23
N PRO B 109 -19.81 -29.04 6.60
CA PRO B 109 -19.54 -27.65 6.25
C PRO B 109 -18.71 -27.41 4.98
N LEU B 110 -18.91 -26.24 4.37
CA LEU B 110 -18.13 -25.80 3.18
C LEU B 110 -17.21 -24.68 3.67
N TYR B 111 -15.91 -24.81 3.41
CA TYR B 111 -14.94 -23.82 3.86
C TYR B 111 -14.59 -22.88 2.71
N VAL B 112 -14.80 -21.58 2.96
CA VAL B 112 -14.58 -20.51 1.95
C VAL B 112 -13.58 -19.51 2.53
N PHE B 113 -12.65 -19.03 1.70
CA PHE B 113 -11.65 -18.04 2.17
C PHE B 113 -11.90 -16.70 1.47
N SER B 114 -12.08 -15.64 2.25
CA SER B 114 -12.36 -14.30 1.70
C SER B 114 -11.08 -13.46 1.68
N PRO B 115 -10.90 -12.57 0.68
CA PRO B 115 -9.71 -11.73 0.63
C PRO B 115 -9.64 -10.62 1.69
N THR B 116 -10.78 -10.19 2.22
CA THR B 116 -10.81 -9.11 3.23
C THR B 116 -11.77 -9.46 4.37
N GLU B 117 -11.56 -8.85 5.53
CA GLU B 117 -12.45 -9.04 6.71
C GLU B 117 -13.84 -8.50 6.37
N GLU B 118 -13.86 -7.35 5.69
CA GLU B 118 -15.10 -6.64 5.30
C GLU B 118 -15.97 -7.51 4.37
N LEU B 119 -15.35 -8.18 3.40
CA LEU B 119 -16.10 -9.06 2.46
C LEU B 119 -16.70 -10.24 3.25
N ARG B 120 -15.94 -10.78 4.21
CA ARG B 120 -16.40 -11.94 5.03
C ARG B 120 -17.60 -11.53 5.88
N LYS B 121 -17.52 -10.38 6.57
CA LYS B 121 -18.64 -9.90 7.42
C LYS B 121 -19.87 -9.67 6.55
N ARG B 122 -19.68 -9.06 5.38
CA ARG B 122 -20.78 -8.76 4.44
C ARG B 122 -21.49 -10.05 4.04
N TRP B 123 -20.72 -11.10 3.75
CA TRP B 123 -21.26 -12.42 3.34
C TRP B 123 -21.89 -13.13 4.54
N ILE B 124 -21.28 -13.05 5.72
CA ILE B 124 -21.82 -13.71 6.92
C ILE B 124 -23.14 -13.05 7.26
N HIS B 125 -23.13 -11.70 7.37
CA HIS B 125 -24.30 -10.84 7.58
C HIS B 125 -25.44 -11.18 6.60
N GLN B 126 -25.20 -11.14 5.29
CA GLN B 126 -26.25 -11.45 4.29
C GLN B 126 -26.72 -12.89 4.33
N LEU B 127 -25.81 -13.84 4.56
CA LEU B 127 -26.19 -15.28 4.62
C LEU B 127 -27.06 -15.52 5.85
N LYS B 128 -26.76 -14.85 6.97
CA LYS B 128 -27.57 -14.99 8.20
C LYS B 128 -29.00 -14.51 7.93
N ASN B 129 -29.14 -13.41 7.18
CA ASN B 129 -30.46 -12.83 6.83
C ASN B 129 -31.29 -13.76 5.93
N VAL B 130 -30.67 -14.40 4.92
CA VAL B 130 -31.43 -15.31 4.00
C VAL B 130 -31.88 -16.58 4.74
N ILE B 131 -31.10 -17.06 5.70
CA ILE B 131 -31.40 -18.31 6.46
C ILE B 131 -32.12 -17.96 7.77
N ARG B 132 -32.53 -16.72 7.95
CA ARG B 132 -33.18 -16.24 9.20
C ARG B 132 -34.45 -17.03 9.49
N TYR B 133 -35.24 -17.38 8.47
CA TYR B 133 -36.51 -18.12 8.67
C TYR B 133 -36.31 -19.64 8.59
N ASN B 134 -35.06 -20.10 8.47
CA ASN B 134 -34.78 -21.56 8.35
C ASN B 134 -35.18 -22.31 9.64
N SER B 135 -35.80 -23.48 9.46
CA SER B 135 -36.26 -24.39 10.54
C SER B 135 -35.10 -25.07 11.28
N ASP B 136 -34.06 -25.48 10.55
CA ASP B 136 -32.96 -26.33 11.07
C ASP B 136 -31.79 -25.54 11.66
N LEU B 137 -31.91 -24.22 11.87
CA LEU B 137 -30.77 -23.44 12.42
C LEU B 137 -30.35 -24.05 13.76
N VAL B 138 -29.05 -24.25 13.95
CA VAL B 138 -28.51 -24.86 15.20
C VAL B 138 -27.92 -23.77 16.09
N GLN B 139 -27.74 -24.08 17.37
CA GLN B 139 -27.22 -23.14 18.37
C GLN B 139 -25.79 -23.49 18.74
N LYS B 140 -25.26 -24.58 18.11
CA LYS B 140 -23.88 -25.05 18.32
C LYS B 140 -23.12 -25.25 17.02
N TYR B 141 -21.82 -24.97 17.05
CA TYR B 141 -20.91 -25.12 15.91
C TYR B 141 -19.48 -25.53 16.34
N HIS B 142 -18.65 -25.93 15.34
CA HIS B 142 -17.25 -26.28 15.53
C HIS B 142 -16.43 -25.04 15.09
N PRO B 143 -15.79 -24.31 16.04
CA PRO B 143 -15.05 -23.11 15.64
C PRO B 143 -13.79 -23.34 14.82
N SER B 144 -13.28 -24.58 14.78
CA SER B 144 -12.07 -24.92 14.04
C SER B 144 -12.36 -25.81 12.87
N PHE B 145 -11.37 -25.93 11.97
CA PHE B 145 -11.50 -26.71 10.72
C PHE B 145 -11.58 -28.20 10.99
N TRP B 146 -12.17 -28.91 10.03
CA TRP B 146 -12.22 -30.39 10.06
C TRP B 146 -11.09 -30.83 9.13
N ILE B 147 -10.03 -31.43 9.67
CA ILE B 147 -8.86 -31.80 8.82
C ILE B 147 -8.32 -33.17 9.26
N ASP B 148 -7.95 -33.97 8.27
CA ASP B 148 -7.38 -35.34 8.46
C ASP B 148 -8.37 -36.22 9.24
N GLY B 149 -9.62 -36.25 8.81
CA GLY B 149 -10.64 -37.09 9.43
C GLY B 149 -11.22 -36.64 10.76
N GLN B 150 -10.90 -35.42 11.23
CA GLN B 150 -11.49 -34.94 12.52
C GLN B 150 -11.46 -33.41 12.63
N TYR B 151 -12.12 -32.88 13.68
CA TYR B 151 -12.21 -31.43 13.98
C TYR B 151 -11.10 -31.05 14.96
N LEU B 152 -10.37 -29.96 14.70
CA LEU B 152 -9.24 -29.56 15.59
C LEU B 152 -9.74 -29.04 16.94
N CYS B 153 -11.00 -28.63 17.04
CA CYS B 153 -11.55 -28.06 18.27
C CYS B 153 -11.97 -29.11 19.29
N CYS B 154 -12.59 -30.22 18.83
CA CYS B 154 -13.23 -31.21 19.70
C CYS B 154 -12.80 -32.66 19.46
N SER B 155 -11.97 -32.89 18.43
CA SER B 155 -11.44 -34.18 18.00
C SER B 155 -12.53 -35.18 17.52
N GLN B 156 -13.79 -34.76 17.46
CA GLN B 156 -14.89 -35.65 17.00
C GLN B 156 -14.58 -36.10 15.57
N THR B 157 -14.83 -37.38 15.28
CA THR B 157 -14.47 -38.01 13.98
C THR B 157 -15.62 -37.97 12.96
N ALA B 158 -16.73 -37.32 13.29
CA ALA B 158 -17.87 -37.25 12.35
C ALA B 158 -18.01 -35.83 11.80
N LYS B 159 -18.15 -35.68 10.48
CA LYS B 159 -18.32 -34.35 9.83
C LYS B 159 -19.62 -33.71 10.30
N ASN B 160 -20.67 -34.53 10.47
CA ASN B 160 -22.02 -34.08 10.88
C ASN B 160 -22.15 -34.04 12.40
N ALA B 161 -21.07 -34.30 13.14
CA ALA B 161 -21.13 -34.31 14.61
C ALA B 161 -21.56 -32.95 15.14
N MET B 162 -22.37 -32.98 16.22
CA MET B 162 -22.90 -31.79 16.93
C MET B 162 -21.75 -30.84 17.28
N GLY B 163 -21.98 -29.54 17.13
CA GLY B 163 -21.02 -28.51 17.45
C GLY B 163 -20.62 -28.54 18.90
N CYS B 164 -19.33 -28.28 19.15
CA CYS B 164 -18.68 -28.28 20.44
C CYS B 164 -18.75 -26.94 21.20
N GLN B 165 -19.07 -25.81 20.50
CA GLN B 165 -19.19 -24.47 21.09
C GLN B 165 -20.54 -23.84 20.74
N ILE B 166 -21.10 -23.05 21.68
CA ILE B 166 -22.40 -22.37 21.51
C ILE B 166 -22.18 -21.16 20.60
N LEU B 167 -23.04 -20.99 19.55
CA LEU B 167 -22.96 -19.89 18.56
C LEU B 167 -23.15 -18.52 19.21
N GLU B 168 -22.02 -17.78 19.41
CA GLU B 168 -21.91 -16.48 20.07
C GLU B 168 -22.99 -15.45 19.70
N ALA C 1 21.44 6.64 -20.86
CA ALA C 1 20.50 7.51 -20.15
C ALA C 1 20.97 8.97 -20.17
N ALA C 2 20.02 9.92 -20.10
CA ALA C 2 20.32 11.36 -20.08
C ALA C 2 21.03 11.79 -18.79
N VAL C 3 21.91 12.80 -18.90
CA VAL C 3 22.66 13.34 -17.78
C VAL C 3 21.78 14.37 -17.06
N ILE C 4 21.49 14.10 -15.78
CA ILE C 4 20.68 14.96 -14.92
C ILE C 4 21.59 16.08 -14.37
N LEU C 5 22.76 15.70 -13.86
CA LEU C 5 23.71 16.62 -13.26
C LEU C 5 25.14 16.25 -13.62
N GLU C 6 25.99 17.26 -13.78
CA GLU C 6 27.42 17.14 -14.12
C GLU C 6 28.16 18.23 -13.30
N SER C 7 29.03 17.81 -12.37
CA SER C 7 29.78 18.73 -11.51
C SER C 7 31.15 18.21 -11.17
N ILE C 8 32.08 19.14 -10.86
CA ILE C 8 33.43 18.84 -10.41
C ILE C 8 33.39 18.93 -8.90
N PHE C 9 33.67 17.80 -8.25
CA PHE C 9 33.71 17.76 -6.80
C PHE C 9 35.03 17.22 -6.33
N LEU C 10 35.26 17.30 -5.02
CA LEU C 10 36.40 16.71 -4.38
C LEU C 10 35.90 15.41 -3.76
N LYS C 11 36.58 14.31 -4.07
CA LYS C 11 36.25 13.00 -3.56
C LYS C 11 37.30 12.55 -2.50
N ARG C 12 36.82 12.07 -1.34
CA ARG C 12 37.67 11.48 -0.31
C ARG C 12 38.00 10.05 -0.76
N SER C 13 39.17 9.50 -0.34
CA SER C 13 39.64 8.14 -0.69
C SER C 13 38.68 7.03 -0.23
N LEU C 22 45.62 10.86 4.71
CA LEU C 22 44.38 11.14 3.98
C LEU C 22 44.64 11.39 2.47
N ASN C 23 43.59 11.17 1.63
CA ASN C 23 43.61 11.44 0.18
C ASN C 23 42.30 12.04 -0.34
N PHE C 24 42.40 13.19 -1.05
CA PHE C 24 41.29 13.91 -1.66
C PHE C 24 41.61 14.18 -3.11
N LYS C 25 40.75 13.69 -4.01
CA LYS C 25 40.97 13.82 -5.44
C LYS C 25 39.81 14.47 -6.16
N LYS C 26 40.14 15.44 -7.03
CA LYS C 26 39.23 16.21 -7.86
C LYS C 26 38.62 15.30 -8.93
N ARG C 27 37.28 15.20 -8.95
CA ARG C 27 36.59 14.31 -9.89
C ARG C 27 35.40 14.96 -10.55
N LEU C 28 35.13 14.58 -11.80
CA LEU C 28 33.95 14.99 -12.53
C LEU C 28 32.88 13.94 -12.18
N PHE C 29 31.78 14.36 -11.55
CA PHE C 29 30.67 13.47 -11.18
C PHE C 29 29.52 13.63 -12.16
N LEU C 30 28.95 12.50 -12.57
CA LEU C 30 27.83 12.42 -13.50
C LEU C 30 26.69 11.67 -12.88
N LEU C 31 25.49 12.24 -12.97
CA LEU C 31 24.30 11.58 -12.47
C LEU C 31 23.31 11.33 -13.63
N THR C 32 22.90 10.05 -13.80
CA THR C 32 21.85 9.58 -14.71
C THR C 32 20.85 8.84 -13.78
N VAL C 33 19.70 8.37 -14.31
CA VAL C 33 18.72 7.63 -13.48
C VAL C 33 19.25 6.26 -13.08
N HIS C 34 20.20 5.70 -13.87
CA HIS C 34 20.80 4.38 -13.65
C HIS C 34 22.05 4.36 -12.76
N LYS C 35 23.01 5.29 -13.00
CA LYS C 35 24.27 5.30 -12.27
C LYS C 35 24.80 6.70 -11.85
N LEU C 36 25.61 6.69 -10.75
CA LEU C 36 26.35 7.84 -10.24
C LEU C 36 27.78 7.50 -10.53
N SER C 37 28.37 8.14 -11.54
CA SER C 37 29.75 7.82 -11.90
C SER C 37 30.68 9.02 -11.75
N TYR C 38 31.99 8.74 -11.68
CA TYR C 38 32.98 9.78 -11.52
C TYR C 38 34.21 9.49 -12.34
N TYR C 39 34.77 10.55 -12.89
CA TYR C 39 35.87 10.51 -13.83
C TYR C 39 36.94 11.47 -13.45
N GLU C 40 38.11 11.24 -14.02
CA GLU C 40 39.24 12.15 -13.96
C GLU C 40 38.79 13.26 -14.90
N TYR C 41 39.23 14.49 -14.64
CA TYR C 41 38.78 15.57 -15.55
C TYR C 41 39.94 16.05 -16.43
N ASP C 42 39.72 16.05 -17.75
CA ASP C 42 40.73 16.54 -18.72
C ASP C 42 40.47 18.02 -18.93
N PHE C 43 41.14 18.87 -18.14
CA PHE C 43 40.93 20.34 -18.18
C PHE C 43 41.36 20.93 -19.52
N GLU C 44 42.49 20.47 -20.07
CA GLU C 44 43.02 21.05 -21.33
C GLU C 44 42.01 20.85 -22.45
N ARG C 45 41.40 19.67 -22.54
CA ARG C 45 40.42 19.36 -23.61
C ARG C 45 38.99 19.67 -23.15
N GLY C 46 38.82 20.13 -21.90
CA GLY C 46 37.48 20.47 -21.37
C GLY C 46 36.49 19.34 -21.51
N ARG C 47 36.89 18.12 -21.12
CA ARG C 47 36.00 16.93 -21.20
C ARG C 47 36.38 15.94 -20.10
N ARG C 48 35.55 14.90 -19.90
CA ARG C 48 35.86 13.89 -18.90
C ARG C 48 36.97 12.98 -19.41
N GLY C 49 37.84 12.60 -18.51
CA GLY C 49 38.94 11.67 -18.75
C GLY C 49 38.53 10.25 -18.43
N SER C 50 39.43 9.49 -17.79
CA SER C 50 39.19 8.09 -17.42
C SER C 50 38.13 7.95 -16.33
N LYS C 51 37.22 6.95 -16.48
CA LYS C 51 36.22 6.61 -15.47
C LYS C 51 36.96 5.94 -14.32
N LYS C 52 36.72 6.41 -13.09
CA LYS C 52 37.41 5.87 -11.93
C LYS C 52 36.52 5.05 -11.02
N GLY C 53 35.21 5.21 -11.16
CA GLY C 53 34.24 4.49 -10.36
C GLY C 53 32.81 4.77 -10.71
N SER C 54 31.92 3.95 -10.17
CA SER C 54 30.48 4.04 -10.39
C SER C 54 29.71 3.41 -9.25
N ILE C 55 28.51 3.93 -9.02
CA ILE C 55 27.58 3.43 -8.02
C ILE C 55 26.23 3.32 -8.71
N ASP C 56 25.66 2.11 -8.73
CA ASP C 56 24.33 1.86 -9.30
C ASP C 56 23.35 2.54 -8.36
N VAL C 57 22.50 3.42 -8.91
CA VAL C 57 21.49 4.20 -8.16
C VAL C 57 20.60 3.30 -7.28
N GLU C 58 20.30 2.07 -7.75
CA GLU C 58 19.48 1.07 -7.06
C GLU C 58 20.08 0.60 -5.72
N LYS C 59 21.43 0.71 -5.59
CA LYS C 59 22.18 0.31 -4.38
C LYS C 59 22.28 1.40 -3.31
N ILE C 60 21.88 2.65 -3.63
CA ILE C 60 21.95 3.79 -2.70
C ILE C 60 20.82 3.71 -1.69
N THR C 61 21.17 3.75 -0.41
CA THR C 61 20.22 3.65 0.71
C THR C 61 19.94 5.00 1.36
N CYS C 62 20.90 5.95 1.23
CA CYS C 62 20.86 7.24 1.92
C CYS C 62 21.76 8.25 1.22
N VAL C 63 21.34 9.53 1.21
CA VAL C 63 22.04 10.69 0.68
C VAL C 63 21.71 11.81 1.64
N GLU C 64 22.72 12.38 2.31
CA GLU C 64 22.55 13.48 3.26
C GLU C 64 23.82 14.35 3.35
N THR C 65 23.76 15.42 4.16
CA THR C 65 24.91 16.28 4.46
C THR C 65 25.77 15.58 5.54
N VAL C 66 27.00 16.04 5.72
CA VAL C 66 27.92 15.53 6.74
C VAL C 66 28.32 16.76 7.53
N VAL C 67 28.53 16.59 8.86
CA VAL C 67 29.01 17.65 9.75
C VAL C 67 30.43 17.95 9.24
N PRO C 68 30.79 19.23 8.95
CA PRO C 68 32.14 19.49 8.40
C PRO C 68 33.28 19.19 9.35
N GLU C 69 34.50 19.01 8.79
CA GLU C 69 35.74 18.78 9.57
C GLU C 69 35.99 19.99 10.48
N LYS C 70 36.56 19.73 11.68
CA LYS C 70 36.85 20.74 12.71
C LYS C 70 37.96 21.70 12.24
N ASN C 71 39.10 21.14 11.74
CA ASN C 71 40.25 21.89 11.23
C ASN C 71 40.46 21.58 9.73
N PRO C 72 39.61 22.12 8.81
CA PRO C 72 39.81 21.80 7.39
C PRO C 72 40.98 22.58 6.78
N PRO C 73 41.75 21.97 5.84
CA PRO C 73 42.83 22.73 5.17
C PRO C 73 42.25 23.82 4.23
N PRO C 74 43.02 24.85 3.75
CA PRO C 74 42.42 25.91 2.91
C PRO C 74 41.52 25.45 1.73
N GLU C 75 41.88 24.31 1.07
CA GLU C 75 41.13 23.71 -0.06
C GLU C 75 39.68 23.33 0.30
N ARG C 76 39.39 23.15 1.61
CA ARG C 76 38.06 22.79 2.11
C ARG C 76 37.52 23.78 3.16
N GLN C 77 37.96 25.06 3.08
CA GLN C 77 37.51 26.12 3.98
C GLN C 77 36.60 27.08 3.23
N ILE C 78 35.64 27.71 3.94
CA ILE C 78 34.69 28.68 3.37
C ILE C 78 35.38 29.96 2.89
N GLU C 89 32.20 33.06 -8.99
CA GLU C 89 33.63 33.15 -9.27
C GLU C 89 34.11 31.87 -9.97
N GLN C 90 34.66 32.02 -11.19
CA GLN C 90 35.14 30.96 -12.09
C GLN C 90 36.22 30.04 -11.45
N ILE C 91 37.14 30.63 -10.69
CA ILE C 91 38.29 29.98 -10.08
C ILE C 91 37.94 29.26 -8.78
N SER C 92 37.33 29.97 -7.81
CA SER C 92 36.96 29.42 -6.51
C SER C 92 36.04 28.17 -6.62
N ILE C 93 35.12 28.16 -7.63
CA ILE C 93 34.16 27.09 -7.89
C ILE C 93 34.88 25.76 -8.29
N ILE C 94 36.16 25.83 -8.73
CA ILE C 94 36.95 24.64 -9.10
C ILE C 94 38.20 24.46 -8.21
N GLU C 95 38.35 25.27 -7.12
CA GLU C 95 39.51 25.20 -6.21
C GLU C 95 39.17 25.00 -4.75
N ARG C 96 38.06 25.61 -4.28
CA ARG C 96 37.59 25.54 -2.89
C ARG C 96 36.32 24.67 -2.82
N PHE C 97 36.35 23.59 -1.98
CA PHE C 97 35.30 22.58 -1.78
C PHE C 97 34.93 22.42 -0.29
N PRO C 98 34.18 23.36 0.29
CA PRO C 98 33.88 23.27 1.74
C PRO C 98 32.63 22.53 2.19
N TYR C 99 31.74 22.11 1.27
CA TYR C 99 30.44 21.56 1.64
C TYR C 99 30.29 20.07 1.38
N PRO C 100 30.52 19.23 2.42
CA PRO C 100 30.43 17.79 2.21
C PRO C 100 29.04 17.19 2.28
N PHE C 101 28.84 16.13 1.50
CA PHE C 101 27.65 15.29 1.53
C PHE C 101 28.08 13.85 1.39
N GLN C 102 27.20 12.91 1.80
CA GLN C 102 27.46 11.47 1.78
C GLN C 102 26.45 10.72 0.91
N VAL C 103 26.94 9.71 0.20
CA VAL C 103 26.15 8.80 -0.62
C VAL C 103 26.40 7.43 0.02
N VAL C 104 25.42 6.92 0.78
CA VAL C 104 25.55 5.64 1.46
C VAL C 104 25.02 4.50 0.55
N TYR C 105 25.79 3.44 0.44
CA TYR C 105 25.45 2.23 -0.31
C TYR C 105 25.97 0.99 0.44
N ASP C 106 26.15 -0.14 -0.26
CA ASP C 106 26.62 -1.38 0.37
C ASP C 106 28.03 -1.21 0.94
N GLU C 107 29.01 -0.87 0.07
CA GLU C 107 30.40 -0.65 0.45
C GLU C 107 30.62 0.71 1.15
N GLY C 108 29.97 0.88 2.30
CA GLY C 108 30.05 2.07 3.15
C GLY C 108 29.71 3.41 2.49
N PRO C 109 29.94 4.56 3.18
CA PRO C 109 29.63 5.85 2.55
C PRO C 109 30.72 6.41 1.65
N LEU C 110 30.31 7.14 0.62
CA LEU C 110 31.20 7.88 -0.28
C LEU C 110 31.07 9.34 0.15
N TYR C 111 32.20 9.98 0.46
CA TYR C 111 32.24 11.38 0.88
C TYR C 111 32.63 12.29 -0.29
N VAL C 112 31.76 13.25 -0.59
CA VAL C 112 31.87 14.17 -1.73
C VAL C 112 31.87 15.62 -1.20
N PHE C 113 32.74 16.49 -1.76
CA PHE C 113 32.84 17.89 -1.34
C PHE C 113 32.43 18.84 -2.45
N SER C 114 31.38 19.61 -2.18
CA SER C 114 30.86 20.57 -3.13
C SER C 114 31.50 21.97 -2.97
N PRO C 115 31.70 22.75 -4.08
CA PRO C 115 32.22 24.13 -3.93
C PRO C 115 31.20 25.11 -3.30
N THR C 116 29.89 24.88 -3.53
CA THR C 116 28.84 25.76 -3.02
C THR C 116 27.77 25.00 -2.27
N GLU C 117 27.10 25.69 -1.33
CA GLU C 117 26.03 25.14 -0.50
C GLU C 117 24.82 24.86 -1.39
N GLU C 118 24.67 25.70 -2.43
CA GLU C 118 23.62 25.72 -3.45
C GLU C 118 23.69 24.47 -4.35
N LEU C 119 24.91 24.09 -4.77
CA LEU C 119 25.15 22.93 -5.64
C LEU C 119 25.06 21.62 -4.84
N ARG C 120 25.34 21.66 -3.53
CA ARG C 120 25.19 20.48 -2.66
C ARG C 120 23.69 20.18 -2.54
N LYS C 121 22.88 21.24 -2.23
CA LYS C 121 21.42 21.20 -2.10
C LYS C 121 20.79 20.62 -3.39
N ARG C 122 21.21 21.13 -4.57
CA ARG C 122 20.73 20.66 -5.88
C ARG C 122 21.02 19.15 -6.12
N TRP C 123 22.24 18.68 -5.71
CA TRP C 123 22.64 17.28 -5.87
C TRP C 123 21.89 16.39 -4.90
N ILE C 124 21.70 16.85 -3.67
CA ILE C 124 20.96 16.05 -2.67
C ILE C 124 19.51 15.93 -3.14
N HIS C 125 18.96 17.01 -3.68
CA HIS C 125 17.55 16.99 -4.13
C HIS C 125 17.35 15.99 -5.27
N GLN C 126 18.17 16.04 -6.31
CA GLN C 126 18.01 15.11 -7.45
C GLN C 126 18.34 13.68 -7.03
N LEU C 127 19.32 13.48 -6.14
CA LEU C 127 19.70 12.12 -5.72
C LEU C 127 18.57 11.50 -4.92
N LYS C 128 17.86 12.29 -4.13
CA LYS C 128 16.74 11.77 -3.33
C LYS C 128 15.60 11.39 -4.28
N ASN C 129 15.44 12.15 -5.36
CA ASN C 129 14.38 11.90 -6.36
C ASN C 129 14.67 10.63 -7.16
N VAL C 130 15.93 10.34 -7.48
CA VAL C 130 16.24 9.13 -8.30
C VAL C 130 16.29 7.88 -7.42
N ILE C 131 16.34 8.01 -6.11
CA ILE C 131 16.41 6.79 -5.25
C ILE C 131 15.07 6.60 -4.54
N ARG C 132 14.07 7.42 -4.90
CA ARG C 132 12.73 7.40 -4.27
C ARG C 132 12.12 5.98 -4.23
N TYR C 133 12.26 5.19 -5.30
CA TYR C 133 11.63 3.85 -5.34
C TYR C 133 12.58 2.75 -4.90
N ASN C 134 13.69 3.08 -4.25
CA ASN C 134 14.62 2.05 -3.81
C ASN C 134 14.06 1.19 -2.66
N SER C 135 14.48 -0.08 -2.62
CA SER C 135 14.05 -1.08 -1.65
C SER C 135 14.76 -0.95 -0.29
N ASP C 136 16.10 -0.74 -0.32
CA ASP C 136 16.98 -0.70 0.84
C ASP C 136 17.07 0.66 1.58
N LEU C 137 16.25 1.69 1.22
CA LEU C 137 16.28 3.00 1.89
C LEU C 137 16.18 2.90 3.40
N VAL C 138 17.15 3.52 4.12
CA VAL C 138 17.25 3.51 5.57
C VAL C 138 16.62 4.75 6.18
N GLN C 139 16.17 4.65 7.44
CA GLN C 139 15.58 5.77 8.16
C GLN C 139 16.57 6.35 9.17
N LYS C 140 17.79 5.77 9.23
CA LYS C 140 18.88 6.19 10.12
C LYS C 140 20.19 6.38 9.36
N TYR C 141 20.99 7.37 9.77
CA TYR C 141 22.30 7.67 9.19
C TYR C 141 23.31 8.16 10.24
N HIS C 142 24.59 8.24 9.85
CA HIS C 142 25.67 8.75 10.69
C HIS C 142 25.92 10.21 10.26
N PRO C 143 25.55 11.23 11.08
CA PRO C 143 25.72 12.65 10.64
C PRO C 143 27.16 13.13 10.51
N SER C 144 28.12 12.41 11.08
CA SER C 144 29.52 12.78 11.07
C SER C 144 30.34 11.80 10.26
N PHE C 145 31.59 12.17 9.92
CA PHE C 145 32.49 11.35 9.12
C PHE C 145 32.97 10.09 9.82
N TRP C 146 33.34 9.10 9.01
CA TRP C 146 34.01 7.89 9.45
C TRP C 146 35.49 8.28 9.28
N ILE C 147 36.23 8.45 10.39
CA ILE C 147 37.65 8.82 10.34
C ILE C 147 38.47 8.04 11.37
N ASP C 148 39.68 7.61 10.97
CA ASP C 148 40.66 6.86 11.77
C ASP C 148 40.07 5.57 12.42
N GLY C 149 39.31 4.81 11.60
CA GLY C 149 38.69 3.54 12.00
C GLY C 149 37.36 3.59 12.72
N GLN C 150 36.72 4.78 12.87
CA GLN C 150 35.41 4.88 13.55
C GLN C 150 34.63 6.18 13.24
N TYR C 151 33.28 6.12 13.37
CA TYR C 151 32.37 7.24 13.15
C TYR C 151 32.48 8.22 14.30
N LEU C 152 32.56 9.52 14.01
CA LEU C 152 32.69 10.54 15.05
C LEU C 152 31.42 10.74 15.89
N CYS C 153 30.23 10.40 15.37
CA CYS C 153 28.95 10.60 16.09
C CYS C 153 28.63 9.53 17.13
N CYS C 154 28.87 8.25 16.81
CA CYS C 154 28.50 7.15 17.68
C CYS C 154 29.65 6.14 17.94
N SER C 155 30.90 6.51 17.58
CA SER C 155 32.15 5.77 17.85
C SER C 155 32.16 4.29 17.36
N GLN C 156 31.13 3.84 16.63
CA GLN C 156 31.04 2.48 16.08
C GLN C 156 32.20 2.23 15.10
N THR C 157 32.78 1.02 15.19
CA THR C 157 33.97 0.60 14.44
C THR C 157 33.67 -0.16 13.13
N ALA C 158 32.38 -0.26 12.75
CA ALA C 158 31.97 -0.91 11.50
C ALA C 158 31.49 0.17 10.53
N LYS C 159 31.99 0.15 9.27
CA LYS C 159 31.58 1.11 8.23
C LYS C 159 30.12 0.86 7.85
N ASN C 160 29.70 -0.42 7.90
CA ASN C 160 28.35 -0.91 7.60
C ASN C 160 27.39 -0.83 8.82
N ALA C 161 27.86 -0.24 9.93
CA ALA C 161 27.06 -0.09 11.14
C ALA C 161 25.82 0.78 10.91
N MET C 162 24.71 0.43 11.60
CA MET C 162 23.43 1.15 11.58
C MET C 162 23.65 2.59 12.09
N GLY C 163 23.01 3.58 11.46
CA GLY C 163 23.17 5.00 11.76
C GLY C 163 23.06 5.49 13.20
N CYS C 164 23.86 6.56 13.55
CA CYS C 164 23.88 7.25 14.86
C CYS C 164 22.46 7.83 15.08
N GLN C 165 21.89 8.41 13.99
CA GLN C 165 20.57 9.05 13.89
C GLN C 165 19.86 8.48 12.67
N ALA D 1 -10.94 -2.06 4.39
CA ALA D 1 -12.35 -1.64 4.54
C ALA D 1 -12.45 -0.12 4.44
N ALA D 2 -13.68 0.40 4.31
CA ALA D 2 -13.91 1.86 4.21
C ALA D 2 -13.54 2.53 5.53
N VAL D 3 -12.92 3.71 5.48
CA VAL D 3 -12.47 4.43 6.71
C VAL D 3 -13.60 5.32 7.24
N ILE D 4 -14.24 4.90 8.33
CA ILE D 4 -15.35 5.69 8.96
C ILE D 4 -14.81 6.99 9.57
N LEU D 5 -13.66 6.94 10.25
CA LEU D 5 -13.09 8.13 10.93
C LEU D 5 -11.56 8.09 10.88
N GLU D 6 -10.94 9.26 10.73
CA GLU D 6 -9.49 9.44 10.66
C GLU D 6 -9.14 10.71 11.49
N SER D 7 -8.37 10.57 12.58
CA SER D 7 -7.99 11.68 13.45
C SER D 7 -6.62 11.48 14.06
N ILE D 8 -5.97 12.61 14.42
CA ILE D 8 -4.70 12.62 15.14
C ILE D 8 -5.05 12.81 16.62
N PHE D 9 -4.68 11.83 17.42
CA PHE D 9 -4.92 11.88 18.85
C PHE D 9 -3.63 11.66 19.61
N LEU D 10 -3.69 11.86 20.90
CA LEU D 10 -2.60 11.57 21.82
C LEU D 10 -2.96 10.23 22.45
N LYS D 11 -2.07 9.25 22.35
CA LYS D 11 -2.27 7.89 22.85
C LYS D 11 -1.33 7.59 24.02
N ARG D 12 -1.91 7.21 25.17
CA ARG D 12 -1.11 6.85 26.35
C ARG D 12 -0.55 5.44 26.20
N SER D 13 0.76 5.31 26.41
CA SER D 13 1.44 4.00 26.29
C SER D 13 0.95 3.03 27.36
N LEU D 22 4.73 7.08 32.29
CA LEU D 22 3.64 7.98 31.91
C LEU D 22 3.96 8.64 30.57
N ASN D 23 4.00 7.83 29.50
CA ASN D 23 4.35 8.27 28.15
C ASN D 23 3.13 8.53 27.26
N PHE D 24 3.15 9.64 26.50
CA PHE D 24 2.06 10.06 25.62
C PHE D 24 2.59 10.26 24.20
N LYS D 25 1.99 9.55 23.23
CA LYS D 25 2.46 9.56 21.83
C LYS D 25 1.40 10.03 20.85
N LYS D 26 1.79 10.97 19.96
CA LYS D 26 0.91 11.50 18.92
C LYS D 26 0.71 10.41 17.87
N ARG D 27 -0.54 10.01 17.62
CA ARG D 27 -0.83 8.94 16.68
C ARG D 27 -1.98 9.26 15.75
N LEU D 28 -1.93 8.77 14.49
CA LEU D 28 -3.02 8.88 13.52
C LEU D 28 -3.90 7.63 13.77
N PHE D 29 -5.17 7.83 14.17
CA PHE D 29 -6.11 6.76 14.43
C PHE D 29 -7.07 6.61 13.28
N LEU D 30 -7.30 5.36 12.89
CA LEU D 30 -8.19 4.98 11.80
C LEU D 30 -9.25 4.03 12.30
N LEU D 31 -10.50 4.35 11.97
CA LEU D 31 -11.64 3.49 12.39
C LEU D 31 -12.28 2.85 11.16
N THR D 32 -12.44 1.54 11.22
CA THR D 32 -13.11 0.71 10.18
C THR D 32 -14.08 -0.23 10.89
N VAL D 33 -14.90 -0.96 10.13
CA VAL D 33 -15.90 -1.88 10.75
C VAL D 33 -15.22 -2.95 11.59
N HIS D 34 -14.05 -3.45 11.18
CA HIS D 34 -13.37 -4.53 11.94
C HIS D 34 -12.07 -4.08 12.62
N LYS D 35 -11.47 -2.95 12.22
CA LYS D 35 -10.18 -2.59 12.84
C LYS D 35 -10.12 -1.14 13.32
N LEU D 36 -9.62 -0.96 14.55
CA LEU D 36 -9.31 0.37 15.13
C LEU D 36 -7.77 0.38 15.18
N SER D 37 -7.15 1.06 14.23
CA SER D 37 -5.68 1.03 14.12
C SER D 37 -5.07 2.39 14.29
N TYR D 38 -3.77 2.41 14.62
CA TYR D 38 -3.05 3.65 14.85
C TYR D 38 -1.66 3.58 14.28
N TYR D 39 -1.23 4.71 13.73
CA TYR D 39 0.00 4.85 13.00
C TYR D 39 0.77 6.05 13.47
N GLU D 40 2.05 6.02 13.21
CA GLU D 40 2.96 7.13 13.41
C GLU D 40 2.60 8.03 12.22
N TYR D 41 2.50 9.35 12.44
CA TYR D 41 2.07 10.21 11.35
C TYR D 41 3.27 10.82 10.65
N ASP D 42 3.25 10.83 9.32
CA ASP D 42 4.31 11.39 8.49
C ASP D 42 3.84 12.81 8.07
N PHE D 43 4.14 13.80 8.92
CA PHE D 43 3.75 15.19 8.71
C PHE D 43 4.27 15.77 7.41
N GLU D 44 5.58 15.58 7.12
CA GLU D 44 6.28 16.08 5.94
C GLU D 44 5.59 15.74 4.62
N ARG D 45 5.12 14.49 4.48
CA ARG D 45 4.45 14.03 3.26
C ARG D 45 2.91 14.05 3.34
N GLY D 46 2.37 14.31 4.54
CA GLY D 46 0.92 14.39 4.76
C GLY D 46 0.23 13.07 4.52
N ARG D 47 0.72 12.01 5.21
CA ARG D 47 0.22 10.65 5.10
C ARG D 47 0.57 9.86 6.37
N ARG D 48 -0.10 8.71 6.57
CA ARG D 48 0.22 7.85 7.69
C ARG D 48 1.56 7.14 7.46
N GLY D 49 2.33 7.00 8.52
CA GLY D 49 3.62 6.32 8.51
C GLY D 49 3.43 4.87 8.91
N SER D 50 4.35 4.34 9.74
CA SER D 50 4.32 2.96 10.22
C SER D 50 3.15 2.67 11.14
N LYS D 51 2.50 1.50 10.94
CA LYS D 51 1.42 1.02 11.79
C LYS D 51 2.06 0.59 13.11
N LYS D 52 1.52 1.08 14.23
CA LYS D 52 2.10 0.78 15.53
C LYS D 52 1.23 -0.17 16.35
N GLY D 53 -0.03 -0.30 15.97
CA GLY D 53 -0.95 -1.17 16.67
C GLY D 53 -2.33 -1.22 16.07
N SER D 54 -3.11 -2.21 16.52
CA SER D 54 -4.46 -2.43 16.07
C SER D 54 -5.26 -3.13 17.13
N ILE D 55 -6.56 -2.87 17.14
CA ILE D 55 -7.51 -3.49 18.03
C ILE D 55 -8.68 -3.96 17.16
N ASP D 56 -8.93 -5.27 17.18
CA ASP D 56 -10.08 -5.83 16.42
C ASP D 56 -11.33 -5.34 17.16
N VAL D 57 -12.34 -4.87 16.42
CA VAL D 57 -13.58 -4.34 17.05
C VAL D 57 -14.28 -5.45 17.84
N GLU D 58 -14.27 -6.68 17.34
CA GLU D 58 -14.90 -7.85 18.00
C GLU D 58 -14.40 -7.98 19.45
N LYS D 59 -13.23 -7.42 19.76
CA LYS D 59 -12.66 -7.55 21.10
C LYS D 59 -13.03 -6.38 22.07
N ILE D 60 -13.60 -5.28 21.55
CA ILE D 60 -13.97 -4.12 22.35
C ILE D 60 -15.25 -4.38 23.15
N THR D 61 -15.18 -4.19 24.47
CA THR D 61 -16.31 -4.43 25.39
C THR D 61 -17.01 -3.13 25.82
N CYS D 62 -16.26 -1.99 25.79
CA CYS D 62 -16.72 -0.70 26.28
C CYS D 62 -15.95 0.44 25.64
N VAL D 63 -16.64 1.58 25.44
CA VAL D 63 -16.10 2.84 24.92
C VAL D 63 -16.85 3.93 25.68
N GLU D 64 -16.12 4.77 26.44
CA GLU D 64 -16.71 5.87 27.21
C GLU D 64 -15.70 7.00 27.44
N THR D 65 -16.15 8.10 28.08
CA THR D 65 -15.30 9.22 28.48
C THR D 65 -14.55 8.81 29.76
N VAL D 66 -13.47 9.53 30.09
CA VAL D 66 -12.70 9.33 31.31
C VAL D 66 -12.78 10.66 32.05
N VAL D 67 -12.82 10.62 33.40
CA VAL D 67 -12.76 11.81 34.25
C VAL D 67 -11.35 12.38 33.96
N PRO D 68 -11.21 13.69 33.61
CA PRO D 68 -9.88 14.22 33.27
C PRO D 68 -8.89 14.22 34.43
N GLU D 69 -7.57 14.27 34.11
CA GLU D 69 -6.49 14.34 35.10
C GLU D 69 -6.66 15.62 35.95
N LYS D 70 -6.28 15.54 37.24
CA LYS D 70 -6.35 16.63 38.21
C LYS D 70 -5.34 17.74 37.86
N ASN D 71 -4.06 17.37 37.61
CA ASN D 71 -3.00 18.30 37.25
C ASN D 71 -2.49 17.99 35.82
N PRO D 72 -3.24 18.33 34.74
CA PRO D 72 -2.73 18.01 33.41
C PRO D 72 -1.65 18.99 32.94
N PRO D 73 -0.60 18.51 32.22
CA PRO D 73 0.40 19.46 31.68
C PRO D 73 -0.20 20.34 30.56
N PRO D 74 0.41 21.47 30.14
CA PRO D 74 -0.21 22.32 29.08
C PRO D 74 -0.72 21.61 27.81
N GLU D 75 -0.02 20.55 27.32
CA GLU D 75 -0.40 19.74 26.14
C GLU D 75 -1.81 19.09 26.30
N ARG D 76 -2.30 18.90 27.55
CA ARG D 76 -3.61 18.29 27.85
C ARG D 76 -4.52 19.21 28.67
N GLN D 77 -4.34 20.53 28.55
CA GLN D 77 -5.16 21.54 29.23
C GLN D 77 -6.06 22.24 28.20
N ILE D 78 -7.26 22.71 28.62
CA ILE D 78 -8.22 23.43 27.76
C ILE D 78 -7.67 24.79 27.28
N GLU D 89 -8.75 26.56 15.22
CA GLU D 89 -7.35 26.84 14.92
C GLU D 89 -6.63 25.59 14.43
N GLN D 90 -5.93 25.74 13.30
CA GLN D 90 -5.12 24.73 12.62
C GLN D 90 -4.04 24.12 13.51
N ILE D 91 -3.40 24.96 14.35
CA ILE D 91 -2.29 24.61 15.25
C ILE D 91 -2.76 23.91 16.52
N SER D 92 -3.67 24.54 17.27
CA SER D 92 -4.19 24.01 18.53
C SER D 92 -4.84 22.61 18.40
N ILE D 93 -5.51 22.35 17.26
CA ILE D 93 -6.18 21.06 16.96
C ILE D 93 -5.15 19.89 16.83
N ILE D 94 -3.86 20.19 16.62
CA ILE D 94 -2.81 19.16 16.53
C ILE D 94 -1.74 19.30 17.65
N GLU D 95 -1.97 20.20 18.63
CA GLU D 95 -1.03 20.43 19.76
C GLU D 95 -1.65 20.27 21.12
N ARG D 96 -2.97 20.52 21.25
CA ARG D 96 -3.71 20.53 22.50
C ARG D 96 -4.76 19.40 22.54
N PHE D 97 -4.58 18.42 23.45
CA PHE D 97 -5.42 17.22 23.57
C PHE D 97 -6.05 17.10 24.97
N PRO D 98 -7.08 17.91 25.31
CA PRO D 98 -7.65 17.86 26.66
C PRO D 98 -8.81 16.90 26.95
N TYR D 99 -9.39 16.23 25.94
CA TYR D 99 -10.60 15.44 26.11
C TYR D 99 -10.37 13.94 25.99
N PRO D 100 -10.21 13.24 27.13
CA PRO D 100 -9.93 11.81 27.06
C PRO D 100 -11.15 10.91 26.95
N PHE D 101 -10.94 9.77 26.29
CA PHE D 101 -11.89 8.67 26.20
C PHE D 101 -11.14 7.35 26.31
N GLN D 102 -11.86 6.28 26.66
CA GLN D 102 -11.28 4.94 26.84
C GLN D 102 -11.92 3.91 25.89
N VAL D 103 -11.11 2.98 25.40
CA VAL D 103 -11.51 1.87 24.55
C VAL D 103 -11.09 0.65 25.35
N VAL D 104 -12.06 -0.03 25.98
CA VAL D 104 -11.79 -1.20 26.80
C VAL D 104 -11.87 -2.48 25.97
N TYR D 105 -10.86 -3.34 26.10
CA TYR D 105 -10.79 -4.64 25.44
C TYR D 105 -10.15 -5.67 26.39
N ASP D 106 -9.59 -6.79 25.86
CA ASP D 106 -8.98 -7.83 26.70
C ASP D 106 -7.77 -7.28 27.46
N GLU D 107 -6.76 -6.78 26.74
CA GLU D 107 -5.53 -6.20 27.30
C GLU D 107 -5.76 -4.79 27.87
N GLY D 108 -6.64 -4.70 28.89
CA GLY D 108 -7.02 -3.49 29.60
C GLY D 108 -7.52 -2.33 28.75
N PRO D 109 -7.71 -1.12 29.34
CA PRO D 109 -8.16 0.01 28.53
C PRO D 109 -7.05 0.74 27.78
N LEU D 110 -7.40 1.30 26.61
CA LEU D 110 -6.52 2.14 25.83
C LEU D 110 -7.06 3.57 26.06
N TYR D 111 -6.17 4.47 26.47
CA TYR D 111 -6.52 5.86 26.74
C TYR D 111 -6.11 6.74 25.58
N VAL D 112 -7.09 7.47 25.03
CA VAL D 112 -6.98 8.32 23.84
C VAL D 112 -7.41 9.75 24.22
N PHE D 113 -6.68 10.78 23.76
CA PHE D 113 -6.98 12.19 24.07
C PHE D 113 -7.29 12.96 22.82
N SER D 114 -8.51 13.51 22.76
CA SER D 114 -9.00 14.26 21.63
C SER D 114 -8.72 15.78 21.74
N PRO D 115 -8.44 16.50 20.63
CA PRO D 115 -8.25 17.96 20.72
C PRO D 115 -9.53 18.76 21.04
N THR D 116 -10.70 18.26 20.61
CA THR D 116 -12.00 18.92 20.82
C THR D 116 -13.06 17.99 21.46
N GLU D 117 -14.13 18.59 22.01
CA GLU D 117 -15.27 17.90 22.63
C GLU D 117 -16.11 17.23 21.56
N GLU D 118 -16.35 17.95 20.43
CA GLU D 118 -17.13 17.51 19.26
C GLU D 118 -16.51 16.30 18.58
N LEU D 119 -15.17 16.23 18.54
CA LEU D 119 -14.46 15.13 17.94
C LEU D 119 -14.48 13.90 18.83
N ARG D 120 -14.44 14.08 20.17
CA ARG D 120 -14.51 12.94 21.10
C ARG D 120 -15.90 12.30 21.02
N LYS D 121 -16.96 13.14 21.08
CA LYS D 121 -18.37 12.78 20.99
C LYS D 121 -18.60 11.99 19.68
N ARG D 122 -18.06 12.48 18.54
CA ARG D 122 -18.10 11.81 17.24
C ARG D 122 -17.51 10.39 17.33
N TRP D 123 -16.29 10.27 17.88
CA TRP D 123 -15.60 8.99 17.98
C TRP D 123 -16.30 8.01 18.88
N ILE D 124 -16.85 8.48 20.02
CA ILE D 124 -17.60 7.63 20.94
C ILE D 124 -18.87 7.11 20.25
N HIS D 125 -19.66 8.03 19.62
CA HIS D 125 -20.88 7.79 18.82
C HIS D 125 -20.64 6.66 17.78
N GLN D 126 -19.57 6.79 16.93
CA GLN D 126 -19.24 5.82 15.89
C GLN D 126 -18.69 4.49 16.43
N LEU D 127 -17.89 4.54 17.50
CA LEU D 127 -17.33 3.32 18.11
C LEU D 127 -18.41 2.46 18.77
N LYS D 128 -19.42 3.11 19.36
CA LYS D 128 -20.54 2.43 20.00
C LYS D 128 -21.37 1.69 18.93
N ASN D 129 -21.43 2.29 17.75
CA ASN D 129 -22.18 1.75 16.59
C ASN D 129 -21.47 0.50 16.04
N VAL D 130 -20.15 0.53 15.90
CA VAL D 130 -19.41 -0.66 15.37
C VAL D 130 -19.46 -1.85 16.35
N ILE D 131 -19.40 -1.59 17.67
CA ILE D 131 -19.34 -2.69 18.68
C ILE D 131 -20.74 -3.16 19.10
N ARG D 132 -21.78 -2.47 18.62
CA ARG D 132 -23.19 -2.75 18.91
C ARG D 132 -23.52 -4.27 19.03
N TYR D 133 -23.05 -5.09 18.06
CA TYR D 133 -23.31 -6.53 17.98
C TYR D 133 -22.23 -7.41 18.60
N ASN D 134 -21.41 -6.83 19.49
CA ASN D 134 -20.36 -7.59 20.16
C ASN D 134 -20.91 -8.51 21.25
N SER D 135 -20.22 -9.63 21.51
CA SER D 135 -20.60 -10.63 22.50
C SER D 135 -20.25 -10.23 23.95
N ASP D 136 -19.01 -9.74 24.15
CA ASP D 136 -18.44 -9.41 25.47
C ASP D 136 -18.83 -8.01 26.05
N LEU D 137 -19.81 -7.30 25.44
CA LEU D 137 -20.23 -5.98 25.93
C LEU D 137 -20.51 -5.98 27.43
N VAL D 138 -19.92 -5.01 28.16
CA VAL D 138 -20.12 -4.88 29.60
C VAL D 138 -21.13 -3.78 29.93
N GLN D 139 -21.79 -3.88 31.09
CA GLN D 139 -22.75 -2.86 31.53
C GLN D 139 -22.12 -1.99 32.66
N LYS D 140 -20.85 -2.30 33.00
CA LYS D 140 -20.08 -1.59 34.03
C LYS D 140 -18.72 -1.16 33.51
N TYR D 141 -18.25 0.02 33.96
CA TYR D 141 -16.95 0.57 33.58
C TYR D 141 -16.31 1.34 34.75
N HIS D 142 -15.01 1.68 34.59
CA HIS D 142 -14.25 2.46 35.54
C HIS D 142 -14.26 3.92 35.01
N PRO D 143 -14.99 4.86 35.68
CA PRO D 143 -15.07 6.25 35.18
C PRO D 143 -13.78 7.08 35.26
N SER D 144 -12.76 6.57 35.95
CA SER D 144 -11.49 7.25 36.14
C SER D 144 -10.33 6.44 35.57
N PHE D 145 -9.15 7.06 35.41
CA PHE D 145 -7.96 6.41 34.85
C PHE D 145 -7.37 5.35 35.75
N TRP D 146 -6.65 4.41 35.13
CA TRP D 146 -5.83 3.43 35.80
C TRP D 146 -4.45 4.13 35.83
N ILE D 147 -3.99 4.54 37.01
CA ILE D 147 -2.69 5.22 37.11
C ILE D 147 -1.89 4.73 38.34
N ASP D 148 -0.58 4.53 38.15
CA ASP D 148 0.40 4.08 39.15
C ASP D 148 -0.02 2.76 39.89
N GLY D 149 -0.49 1.79 39.12
CA GLY D 149 -0.91 0.47 39.60
C GLY D 149 -2.35 0.30 40.06
N GLN D 150 -3.22 1.34 39.92
CA GLN D 150 -4.63 1.25 40.37
C GLN D 150 -5.63 2.19 39.67
N TYR D 151 -6.92 1.84 39.71
CA TYR D 151 -8.00 2.70 39.20
C TYR D 151 -8.31 3.74 40.25
N LEU D 152 -8.41 5.03 39.89
CA LEU D 152 -8.71 6.07 40.90
C LEU D 152 -10.08 5.94 41.52
N CYS D 153 -11.06 5.55 40.70
CA CYS D 153 -12.48 5.43 41.03
C CYS D 153 -12.82 4.37 42.09
N CYS D 154 -12.16 3.21 42.05
CA CYS D 154 -12.46 2.05 42.88
C CYS D 154 -11.26 1.45 43.63
N SER D 155 -10.06 1.94 43.35
CA SER D 155 -8.79 1.53 43.95
C SER D 155 -8.38 0.07 43.62
N GLN D 156 -9.15 -0.66 42.77
CA GLN D 156 -8.83 -2.05 42.36
C GLN D 156 -7.48 -2.10 41.64
N THR D 157 -6.67 -3.12 41.97
CA THR D 157 -5.30 -3.30 41.49
C THR D 157 -5.16 -4.20 40.23
N ALA D 158 -6.28 -4.62 39.63
CA ALA D 158 -6.28 -5.42 38.42
C ALA D 158 -6.78 -4.56 37.26
N LYS D 159 -6.05 -4.54 36.13
CA LYS D 159 -6.45 -3.77 34.94
C LYS D 159 -7.72 -4.38 34.33
N ASN D 160 -7.84 -5.71 34.42
CA ASN D 160 -8.97 -6.51 33.94
C ASN D 160 -10.15 -6.56 34.93
N ALA D 161 -10.05 -5.84 36.07
CA ALA D 161 -11.09 -5.82 37.11
C ALA D 161 -12.41 -5.28 36.58
N MET D 162 -13.53 -5.85 37.08
CA MET D 162 -14.89 -5.44 36.72
C MET D 162 -15.11 -3.96 37.06
N GLY D 163 -15.78 -3.26 36.16
CA GLY D 163 -16.11 -1.85 36.32
C GLY D 163 -16.90 -1.58 37.58
N CYS D 164 -16.71 -0.39 38.12
CA CYS D 164 -17.34 0.07 39.36
C CYS D 164 -18.67 0.82 39.15
N GLN D 165 -18.88 1.52 38.02
CA GLN D 165 -20.11 2.29 37.81
C GLN D 165 -21.16 1.53 37.00
#